data_8YS9
#
_entry.id   8YS9
#
_cell.length_a   71.042
_cell.length_b   77.681
_cell.length_c   83.159
_cell.angle_alpha   90.00
_cell.angle_beta   90.00
_cell.angle_gamma   90.00
#
_symmetry.space_group_name_H-M   'P 21 21 21'
#
loop_
_entity.id
_entity.type
_entity.pdbx_description
1 polymer 'Phosphatidylethanolamine N-methyltransferase/phosphatidyl-N-methylethanolamine N-methyltransferase'
2 non-polymer S-ADENOSYL-L-HOMOCYSTEINE
3 non-polymer '[(2~{R})-3-[2-(dimethylamino)ethoxy-oxidanyl-phosphoryl]oxy-2-[(~{Z})-octadec-9-enoyl]oxy-propyl] (~{Z})-octadec-9-enoate'
4 non-polymer 'SULFATE ION'
5 non-polymer 'L(+)-TARTARIC ACID'
6 non-polymer DODECYL-BETA-D-MALTOSIDE
7 water water
#
_entity_poly.entity_id   1
_entity_poly.type   'polypeptide(L)'
_entity_poly.pdbx_seq_one_letter_code
;MEIEAVEASYRRWAPIYDRTFGAVTQRGRREAVARINAIPPGRDGVTRVLEIGVGTGLALPHYAPHIRVTGIDASEAMLE
RARAAHGRRPTVESLRIMDARSLDFADESFDVVAAMHVLSVVPEPRRVMAEIARVLRPGGQAVTVTHFAVEGRGARAALE
RAMAPLADRLGWHSDFSRAEVLSEPRLRPGEERRLPPLRLMTLLVLHRIGHHHHHHG
;
_entity_poly.pdbx_strand_id   A,B
#
# COMPACT_ATOMS: atom_id res chain seq x y z
N MET A 1 17.00 16.58 -0.39
CA MET A 1 17.96 17.48 -1.08
C MET A 1 18.29 18.58 -0.09
N GLU A 2 19.51 19.12 -0.12
CA GLU A 2 19.83 20.30 0.67
C GLU A 2 18.93 21.44 0.22
N ILE A 3 18.58 22.33 1.14
CA ILE A 3 17.60 23.37 0.86
C ILE A 3 18.09 24.26 -0.31
N GLU A 4 19.39 24.61 -0.38
CA GLU A 4 19.85 25.47 -1.46
C GLU A 4 19.71 24.76 -2.81
N ALA A 5 19.79 23.42 -2.80
CA ALA A 5 19.64 22.66 -4.03
C ALA A 5 18.17 22.58 -4.43
N VAL A 6 17.27 22.53 -3.43
CA VAL A 6 15.84 22.66 -3.69
C VAL A 6 15.55 23.99 -4.38
N GLU A 7 16.08 25.09 -3.81
CA GLU A 7 15.86 26.40 -4.40
C GLU A 7 16.36 26.46 -5.85
N ALA A 8 17.55 25.94 -6.10
CA ALA A 8 18.15 26.03 -7.44
C ALA A 8 17.31 25.23 -8.45
N SER A 9 16.87 24.03 -8.02
CA SER A 9 16.16 23.13 -8.92
C SER A 9 14.81 23.73 -9.28
N TYR A 10 14.10 24.26 -8.26
CA TYR A 10 12.72 24.71 -8.48
C TYR A 10 12.68 26.10 -9.11
N ARG A 11 13.77 26.88 -9.01
CA ARG A 11 13.88 28.03 -9.90
C ARG A 11 13.87 27.61 -11.37
N ARG A 12 14.57 26.52 -11.74
CA ARG A 12 14.55 26.01 -13.11
C ARG A 12 13.19 25.39 -13.48
N TRP A 13 12.59 24.62 -12.54
CA TRP A 13 11.32 24.00 -12.83
C TRP A 13 10.17 24.98 -13.03
N ALA A 14 10.15 26.07 -12.27
CA ALA A 14 8.91 26.83 -12.15
C ALA A 14 8.29 27.22 -13.51
N PRO A 15 9.05 27.74 -14.50
CA PRO A 15 8.40 28.15 -15.74
C PRO A 15 7.76 27.02 -16.55
N ILE A 16 8.23 25.77 -16.39
CA ILE A 16 7.64 24.67 -17.16
C ILE A 16 6.80 23.71 -16.30
N TYR A 17 6.77 23.91 -14.98
CA TYR A 17 6.27 22.91 -14.07
C TYR A 17 4.82 22.50 -14.41
N ASP A 18 3.93 23.49 -14.47
CA ASP A 18 2.51 23.20 -14.59
C ASP A 18 2.19 22.46 -15.89
N ARG A 19 2.90 22.77 -16.99
CA ARG A 19 2.62 22.16 -18.28
C ARG A 19 3.31 20.82 -18.46
N THR A 20 4.25 20.46 -17.56
CA THR A 20 4.94 19.17 -17.66
C THR A 20 4.61 18.28 -16.45
N PHE A 21 5.43 18.29 -15.40
CA PHE A 21 5.26 17.37 -14.27
C PHE A 21 3.89 17.58 -13.64
N GLY A 22 3.51 18.85 -13.51
CA GLY A 22 2.21 19.17 -12.91
C GLY A 22 1.06 18.58 -13.71
N ALA A 23 1.15 18.63 -15.02
CA ALA A 23 0.04 18.16 -15.87
C ALA A 23 -0.17 16.65 -15.75
N VAL A 24 0.91 15.88 -15.69
CA VAL A 24 0.78 14.43 -15.70
C VAL A 24 0.46 13.88 -14.30
N THR A 25 0.45 14.77 -13.26
CA THR A 25 0.14 14.37 -11.89
C THR A 25 -1.18 14.96 -11.39
N GLN A 26 -1.96 15.58 -12.29
CA GLN A 26 -3.16 16.27 -11.88
C GLN A 26 -4.21 15.30 -11.35
N ARG A 27 -4.34 14.10 -11.95
CA ARG A 27 -5.34 13.16 -11.47
C ARG A 27 -5.12 12.81 -9.99
N GLY A 28 -3.88 12.46 -9.62
CA GLY A 28 -3.57 12.16 -8.23
C GLY A 28 -3.79 13.35 -7.32
N ARG A 29 -3.44 14.54 -7.81
CA ARG A 29 -3.63 15.77 -7.05
C ARG A 29 -5.11 16.00 -6.72
N ARG A 30 -5.95 15.87 -7.75
CA ARG A 30 -7.38 16.00 -7.57
C ARG A 30 -7.90 14.97 -6.57
N GLU A 31 -7.41 13.74 -6.69
CA GLU A 31 -7.86 12.67 -5.82
C GLU A 31 -7.50 12.98 -4.36
N ALA A 32 -6.26 13.45 -4.15
CA ALA A 32 -5.82 13.82 -2.80
C ALA A 32 -6.71 14.92 -2.23
N VAL A 33 -6.99 15.95 -3.04
CA VAL A 33 -7.83 17.04 -2.58
C VAL A 33 -9.25 16.54 -2.28
N ALA A 34 -9.78 15.62 -3.09
CA ALA A 34 -11.10 15.05 -2.82
C ALA A 34 -11.16 14.36 -1.46
N ARG A 35 -10.11 13.61 -1.09
CA ARG A 35 -10.04 12.98 0.23
C ARG A 35 -10.10 14.05 1.32
N ILE A 36 -9.32 15.13 1.15
CA ILE A 36 -9.22 16.18 2.17
C ILE A 36 -10.58 16.86 2.31
N ASN A 37 -11.23 17.14 1.16
CA ASN A 37 -12.51 17.81 1.14
C ASN A 37 -13.56 16.98 1.89
N ALA A 38 -13.42 15.65 1.89
CA ALA A 38 -14.43 14.73 2.43
C ALA A 38 -14.29 14.54 3.93
N ILE A 39 -13.13 14.89 4.48
CA ILE A 39 -12.90 14.74 5.92
C ILE A 39 -13.95 15.59 6.63
N PRO A 40 -14.61 15.05 7.68
CA PRO A 40 -15.54 15.84 8.48
C PRO A 40 -14.94 17.16 8.96
N PRO A 41 -15.60 18.32 8.75
CA PRO A 41 -15.04 19.61 9.17
C PRO A 41 -14.64 19.64 10.62
N GLY A 42 -13.56 20.38 10.89
CA GLY A 42 -13.10 20.53 12.25
C GLY A 42 -13.98 21.54 12.95
N ARG A 43 -13.30 22.44 13.67
CA ARG A 43 -13.95 23.43 14.53
C ARG A 43 -14.55 24.53 13.67
N ASP A 44 -15.79 24.91 14.05
CA ASP A 44 -16.50 26.00 13.41
C ASP A 44 -16.83 25.63 11.96
N GLY A 45 -16.86 24.35 11.62
CA GLY A 45 -17.19 23.91 10.26
C GLY A 45 -16.09 24.21 9.25
N VAL A 46 -14.84 24.36 9.72
CA VAL A 46 -13.72 24.60 8.82
C VAL A 46 -12.75 23.44 8.96
N THR A 47 -12.06 23.10 7.86
CA THR A 47 -10.95 22.17 7.88
C THR A 47 -9.69 22.95 7.56
N ARG A 48 -8.78 23.02 8.54
CA ARG A 48 -7.56 23.77 8.42
C ARG A 48 -6.49 22.84 7.86
N VAL A 49 -5.98 23.22 6.68
CA VAL A 49 -5.03 22.43 5.92
C VAL A 49 -3.71 23.17 5.82
N LEU A 50 -2.63 22.43 6.08
CA LEU A 50 -1.29 22.90 5.78
C LEU A 50 -0.79 22.16 4.54
N GLU A 51 -0.55 22.94 3.47
CA GLU A 51 0.02 22.42 2.24
C GLU A 51 1.53 22.60 2.33
N ILE A 52 2.23 21.50 2.57
CA ILE A 52 3.68 21.52 2.67
C ILE A 52 4.24 21.38 1.25
N GLY A 53 5.07 22.34 0.80
CA GLY A 53 5.54 22.29 -0.58
C GLY A 53 4.41 22.56 -1.56
N VAL A 54 3.65 23.61 -1.34
CA VAL A 54 2.49 23.94 -2.16
C VAL A 54 2.86 24.21 -3.61
N GLY A 55 4.11 24.58 -3.86
CA GLY A 55 4.61 24.80 -5.22
C GLY A 55 3.85 25.92 -5.92
N THR A 56 3.44 25.63 -7.17
CA THR A 56 2.74 26.59 -8.00
C THR A 56 1.25 26.62 -7.63
N GLY A 57 0.84 25.81 -6.64
CA GLY A 57 -0.53 25.86 -6.11
C GLY A 57 -1.56 25.16 -7.00
N LEU A 58 -1.15 24.12 -7.73
CA LEU A 58 -2.09 23.40 -8.60
C LEU A 58 -3.23 22.78 -7.79
N ALA A 59 -2.98 22.40 -6.52
CA ALA A 59 -4.06 21.83 -5.71
C ALA A 59 -5.09 22.88 -5.25
N LEU A 60 -4.69 24.16 -5.18
CA LEU A 60 -5.43 25.19 -4.47
C LEU A 60 -6.85 25.38 -4.98
N PRO A 61 -7.11 25.44 -6.32
CA PRO A 61 -8.47 25.71 -6.77
C PRO A 61 -9.45 24.56 -6.49
N HIS A 62 -8.95 23.40 -6.11
CA HIS A 62 -9.80 22.24 -5.91
C HIS A 62 -10.35 22.15 -4.49
N TYR A 63 -9.72 22.87 -3.54
CA TYR A 63 -10.19 22.85 -2.17
C TYR A 63 -11.58 23.48 -2.11
N ALA A 64 -12.44 22.78 -1.37
CA ALA A 64 -13.84 23.12 -1.19
C ALA A 64 -13.99 24.36 -0.30
N PRO A 65 -15.19 25.00 -0.27
CA PRO A 65 -15.33 26.27 0.45
C PRO A 65 -15.06 26.25 1.94
N HIS A 66 -15.19 25.07 2.58
CA HIS A 66 -15.00 24.96 4.02
C HIS A 66 -13.53 24.83 4.39
N ILE A 67 -12.64 24.70 3.40
CA ILE A 67 -11.22 24.59 3.66
C ILE A 67 -10.63 25.98 3.91
N ARG A 68 -9.71 26.01 4.88
CA ARG A 68 -8.77 27.11 5.04
C ARG A 68 -7.36 26.56 4.92
N VAL A 69 -6.69 26.90 3.83
CA VAL A 69 -5.44 26.29 3.49
C VAL A 69 -4.31 27.32 3.64
N THR A 70 -3.27 26.90 4.37
CA THR A 70 -2.02 27.62 4.46
C THR A 70 -0.99 26.87 3.63
N GLY A 71 -0.39 27.52 2.65
CA GLY A 71 0.63 26.88 1.84
C GLY A 71 2.00 27.44 2.18
N ILE A 72 2.99 26.55 2.28
CA ILE A 72 4.38 26.93 2.47
C ILE A 72 5.22 26.28 1.39
N ASP A 73 6.35 26.94 1.10
CA ASP A 73 7.28 26.41 0.11
C ASP A 73 8.68 26.98 0.36
N ALA A 74 9.69 26.33 -0.19
CA ALA A 74 11.06 26.78 -0.12
C ALA A 74 11.45 27.69 -1.30
N SER A 75 10.65 27.71 -2.36
CA SER A 75 11.03 28.30 -3.63
C SER A 75 10.15 29.52 -3.89
N GLU A 76 10.78 30.70 -3.99
CA GLU A 76 10.07 31.90 -4.37
C GLU A 76 9.50 31.77 -5.77
N ALA A 77 10.27 31.18 -6.68
CA ALA A 77 9.86 31.07 -8.07
C ALA A 77 8.57 30.27 -8.19
N MET A 78 8.49 29.16 -7.43
CA MET A 78 7.28 28.33 -7.46
C MET A 78 6.15 29.06 -6.76
N LEU A 79 6.43 29.59 -5.58
CA LEU A 79 5.38 30.18 -4.75
C LEU A 79 4.76 31.39 -5.40
N GLU A 80 5.56 32.18 -6.15
CA GLU A 80 5.02 33.36 -6.80
C GLU A 80 3.97 32.96 -7.84
N ARG A 81 4.05 31.75 -8.40
CA ARG A 81 2.99 31.34 -9.33
C ARG A 81 1.71 31.02 -8.58
N ALA A 82 1.83 30.42 -7.39
CA ALA A 82 0.69 30.14 -6.54
C ALA A 82 0.00 31.43 -6.15
N ARG A 83 0.80 32.44 -5.81
CA ARG A 83 0.31 33.76 -5.42
C ARG A 83 -0.47 34.40 -6.55
N ALA A 84 0.15 34.42 -7.73
CA ALA A 84 -0.41 35.09 -8.90
C ALA A 84 -1.76 34.50 -9.27
N ALA A 85 -1.82 33.15 -9.30
CA ALA A 85 -3.02 32.46 -9.75
C ALA A 85 -4.08 32.37 -8.65
N HIS A 86 -3.67 32.09 -7.40
CA HIS A 86 -4.63 31.62 -6.40
C HIS A 86 -4.62 32.43 -5.10
N GLY A 87 -3.77 33.45 -4.98
CA GLY A 87 -3.59 34.18 -3.74
C GLY A 87 -4.83 34.88 -3.23
N ARG A 88 -5.80 35.19 -4.13
CA ARG A 88 -6.99 35.92 -3.74
C ARG A 88 -8.17 34.96 -3.46
N ARG A 89 -7.98 33.66 -3.58
CA ARG A 89 -9.09 32.75 -3.36
C ARG A 89 -9.46 32.77 -1.88
N PRO A 90 -10.76 32.74 -1.52
CA PRO A 90 -11.18 32.74 -0.12
C PRO A 90 -10.70 31.58 0.74
N THR A 91 -10.34 30.46 0.11
CA THR A 91 -9.89 29.27 0.84
C THR A 91 -8.42 29.43 1.21
N VAL A 92 -7.71 30.36 0.57
CA VAL A 92 -6.27 30.44 0.77
C VAL A 92 -5.97 31.48 1.84
N GLU A 93 -5.49 31.01 3.01
CA GLU A 93 -5.25 31.83 4.18
C GLU A 93 -3.93 32.59 4.01
N SER A 94 -2.89 31.89 3.57
CA SER A 94 -1.60 32.52 3.31
C SER A 94 -0.72 31.59 2.49
N LEU A 95 0.27 32.20 1.82
CA LEU A 95 1.30 31.53 1.04
C LEU A 95 2.65 32.13 1.44
N ARG A 96 3.48 31.30 2.07
CA ARG A 96 4.68 31.80 2.75
C ARG A 96 5.89 30.92 2.39
N ILE A 97 7.08 31.53 2.40
CA ILE A 97 8.32 30.79 2.38
C ILE A 97 8.61 30.28 3.78
N MET A 98 8.76 28.98 3.90
CA MET A 98 9.05 28.29 5.15
C MET A 98 9.63 26.93 4.83
N ASP A 99 10.58 26.49 5.63
CA ASP A 99 11.19 25.18 5.49
C ASP A 99 10.38 24.19 6.32
N ALA A 100 9.91 23.13 5.66
CA ALA A 100 9.11 22.11 6.31
C ALA A 100 9.81 21.41 7.47
N ARG A 101 11.15 21.50 7.56
CA ARG A 101 11.88 20.89 8.66
C ARG A 101 11.58 21.57 10.00
N SER A 102 11.09 22.79 9.95
CA SER A 102 10.85 23.62 11.13
C SER A 102 9.63 24.51 10.89
N LEU A 103 8.45 24.03 11.31
CA LEU A 103 7.19 24.70 10.99
C LEU A 103 6.86 25.73 12.06
N ASP A 104 6.65 26.97 11.67
CA ASP A 104 6.33 28.03 12.62
C ASP A 104 4.81 28.06 12.91
N PHE A 105 4.32 26.94 13.42
CA PHE A 105 2.92 26.75 13.76
C PHE A 105 2.87 25.96 15.06
N ALA A 106 1.80 26.19 15.85
CA ALA A 106 1.66 25.62 17.18
C ALA A 106 1.36 24.13 17.10
N ASP A 107 1.72 23.41 18.17
CA ASP A 107 1.30 22.02 18.27
C ASP A 107 -0.22 21.91 18.10
N GLU A 108 -0.67 20.91 17.30
CA GLU A 108 -2.08 20.55 17.16
C GLU A 108 -2.89 21.65 16.48
N SER A 109 -2.26 22.44 15.62
CA SER A 109 -2.91 23.61 15.05
C SER A 109 -3.63 23.30 13.74
N PHE A 110 -3.37 22.14 13.10
CA PHE A 110 -4.00 21.81 11.83
C PHE A 110 -4.84 20.52 11.95
N ASP A 111 -5.89 20.47 11.13
CA ASP A 111 -6.71 19.27 10.96
C ASP A 111 -6.07 18.30 9.95
N VAL A 112 -5.41 18.85 8.91
CA VAL A 112 -4.89 18.10 7.80
C VAL A 112 -3.56 18.70 7.36
N VAL A 113 -2.64 17.82 6.94
CA VAL A 113 -1.47 18.22 6.17
C VAL A 113 -1.59 17.58 4.79
N ALA A 114 -1.33 18.35 3.75
CA ALA A 114 -1.21 17.86 2.39
C ALA A 114 0.29 17.88 2.03
N ALA A 115 0.81 16.78 1.48
CA ALA A 115 2.20 16.70 1.09
C ALA A 115 2.29 15.94 -0.25
N MET A 116 2.18 16.69 -1.35
CA MET A 116 2.09 16.10 -2.69
C MET A 116 3.39 16.34 -3.46
N HIS A 117 4.12 15.24 -3.73
CA HIS A 117 5.35 15.26 -4.52
C HIS A 117 6.40 16.13 -3.82
N VAL A 118 6.47 16.02 -2.48
CA VAL A 118 7.36 16.89 -1.70
C VAL A 118 8.27 16.05 -0.79
N LEU A 119 7.77 14.93 -0.25
CA LEU A 119 8.56 14.24 0.76
C LEU A 119 9.85 13.64 0.16
N SER A 120 9.85 13.36 -1.14
CA SER A 120 10.98 12.85 -1.88
C SER A 120 11.96 13.96 -2.28
N VAL A 121 11.67 15.19 -1.87
CA VAL A 121 12.47 16.36 -2.22
C VAL A 121 13.13 16.95 -0.96
N VAL A 122 12.42 16.98 0.17
CA VAL A 122 12.87 17.71 1.34
C VAL A 122 14.23 17.21 1.84
N PRO A 123 15.03 18.10 2.47
CA PRO A 123 16.11 17.63 3.34
C PRO A 123 15.50 17.00 4.58
N GLU A 124 16.22 16.07 5.19
CA GLU A 124 15.90 15.52 6.49
C GLU A 124 14.41 15.16 6.61
N PRO A 125 13.92 14.22 5.80
CA PRO A 125 12.52 13.83 5.91
C PRO A 125 12.09 13.35 7.31
N ARG A 126 13.03 12.81 8.10
CA ARG A 126 12.73 12.43 9.49
C ARG A 126 12.23 13.62 10.30
N ARG A 127 12.86 14.78 10.09
CA ARG A 127 12.49 15.99 10.79
C ARG A 127 11.14 16.49 10.27
N VAL A 128 10.91 16.37 8.96
CA VAL A 128 9.66 16.79 8.37
C VAL A 128 8.49 15.94 8.92
N MET A 129 8.66 14.63 8.98
CA MET A 129 7.55 13.79 9.44
C MET A 129 7.24 14.04 10.93
N ALA A 130 8.27 14.34 11.74
CA ALA A 130 8.03 14.70 13.13
C ALA A 130 7.25 16.01 13.25
N GLU A 131 7.56 17.00 12.38
CA GLU A 131 6.87 18.26 12.37
C GLU A 131 5.40 18.06 11.96
N ILE A 132 5.18 17.19 10.96
CA ILE A 132 3.82 16.86 10.55
C ILE A 132 3.00 16.32 11.74
N ALA A 133 3.53 15.35 12.45
CA ALA A 133 2.84 14.84 13.62
C ALA A 133 2.60 15.96 14.64
N ARG A 134 3.60 16.81 14.87
CA ARG A 134 3.50 17.82 15.91
C ARG A 134 2.34 18.78 15.64
N VAL A 135 2.20 19.26 14.37
CA VAL A 135 1.22 20.30 14.07
C VAL A 135 -0.19 19.72 13.90
N LEU A 136 -0.31 18.41 13.73
CA LEU A 136 -1.63 17.79 13.53
C LEU A 136 -2.32 17.56 14.87
N ARG A 137 -3.59 17.94 14.93
CA ARG A 137 -4.43 17.67 16.10
C ARG A 137 -4.63 16.16 16.16
N PRO A 138 -4.86 15.58 17.37
CA PRO A 138 -5.21 14.17 17.45
C PRO A 138 -6.37 13.82 16.52
N GLY A 139 -6.21 12.72 15.78
CA GLY A 139 -7.19 12.27 14.81
C GLY A 139 -7.09 12.99 13.46
N GLY A 140 -6.15 13.93 13.33
CA GLY A 140 -5.93 14.60 12.07
C GLY A 140 -5.24 13.62 11.12
N GLN A 141 -5.01 14.08 9.90
CA GLN A 141 -4.51 13.21 8.84
C GLN A 141 -3.50 13.96 7.99
N ALA A 142 -2.49 13.24 7.52
CA ALA A 142 -1.65 13.74 6.44
C ALA A 142 -1.98 12.95 5.17
N VAL A 143 -2.31 13.68 4.10
CA VAL A 143 -2.61 13.06 2.83
C VAL A 143 -1.39 13.30 1.95
N THR A 144 -0.68 12.22 1.67
CA THR A 144 0.60 12.30 0.95
C THR A 144 0.44 11.62 -0.40
N VAL A 145 1.21 12.13 -1.38
CA VAL A 145 1.32 11.50 -2.69
C VAL A 145 2.78 11.62 -3.10
N THR A 146 3.42 10.47 -3.30
CA THR A 146 4.85 10.45 -3.56
C THR A 146 5.19 9.25 -4.41
N HIS A 147 6.24 9.37 -5.25
CA HIS A 147 6.86 8.17 -5.81
C HIS A 147 7.73 7.47 -4.78
N PHE A 148 7.53 6.15 -4.66
CA PHE A 148 8.42 5.29 -3.90
C PHE A 148 9.16 4.34 -4.84
N ALA A 149 10.48 4.28 -4.66
CA ALA A 149 11.27 3.34 -5.43
C ALA A 149 10.89 1.90 -5.04
N VAL A 150 10.96 1.02 -6.04
CA VAL A 150 10.56 -0.36 -5.89
C VAL A 150 11.80 -1.11 -5.49
N GLU A 151 11.49 -2.19 -4.79
CA GLU A 151 12.46 -3.07 -4.19
C GLU A 151 12.83 -4.13 -5.22
N GLY A 152 14.12 -4.52 -5.23
CA GLY A 152 14.57 -5.74 -5.88
C GLY A 152 15.28 -5.52 -7.22
N ARG A 153 15.09 -6.50 -8.08
CA ARG A 153 15.70 -6.61 -9.39
C ARG A 153 14.80 -5.91 -10.41
N GLY A 154 15.25 -5.86 -11.65
CA GLY A 154 14.34 -5.44 -12.71
C GLY A 154 14.60 -4.01 -13.20
N ALA A 155 13.95 -3.64 -14.31
CA ALA A 155 14.32 -2.44 -15.05
C ALA A 155 13.96 -1.15 -14.29
N ARG A 156 12.79 -1.14 -13.64
CA ARG A 156 12.38 0.05 -12.92
C ARG A 156 13.35 0.31 -11.78
N ALA A 157 13.59 -0.72 -10.95
CA ALA A 157 14.49 -0.61 -9.81
C ALA A 157 15.87 -0.12 -10.25
N ALA A 158 16.36 -0.66 -11.38
CA ALA A 158 17.67 -0.30 -11.85
C ALA A 158 17.72 1.17 -12.30
N LEU A 159 16.67 1.64 -12.94
CA LEU A 159 16.63 3.03 -13.38
C LEU A 159 16.51 3.99 -12.18
N GLU A 160 15.69 3.62 -11.21
CA GLU A 160 15.61 4.40 -9.96
C GLU A 160 16.99 4.52 -9.33
N ARG A 161 17.75 3.43 -9.29
CA ARG A 161 19.09 3.44 -8.71
C ARG A 161 20.03 4.33 -9.50
N ALA A 162 19.97 4.25 -10.84
CA ALA A 162 20.81 5.04 -11.73
C ALA A 162 20.53 6.54 -11.64
N MET A 163 19.29 6.94 -11.35
CA MET A 163 18.89 8.34 -11.23
C MET A 163 19.19 8.93 -9.85
N ALA A 164 19.53 8.10 -8.84
CA ALA A 164 19.73 8.61 -7.49
C ALA A 164 20.85 9.65 -7.42
N PRO A 165 22.00 9.48 -8.12
CA PRO A 165 23.03 10.53 -8.09
C PRO A 165 22.70 11.87 -8.76
N LEU A 166 21.58 11.88 -9.49
CA LEU A 166 21.09 13.03 -10.25
C LEU A 166 20.11 13.91 -9.46
N ALA A 167 19.92 13.66 -8.16
CA ALA A 167 18.88 14.37 -7.40
C ALA A 167 18.93 15.87 -7.62
N ASP A 168 20.10 16.49 -7.47
CA ASP A 168 20.15 17.95 -7.56
C ASP A 168 19.83 18.48 -8.94
N ARG A 169 20.13 17.70 -10.00
CA ARG A 169 19.76 18.08 -11.36
C ARG A 169 18.27 17.84 -11.62
N LEU A 170 17.68 16.82 -10.98
CA LEU A 170 16.31 16.45 -11.32
C LEU A 170 15.31 17.23 -10.48
N GLY A 171 15.61 17.39 -9.17
CA GLY A 171 14.68 18.02 -8.22
C GLY A 171 14.01 17.00 -7.29
N TRP A 172 14.53 15.78 -7.23
CA TRP A 172 13.99 14.77 -6.32
C TRP A 172 14.92 13.58 -6.17
N HIS A 173 14.69 12.77 -5.13
CA HIS A 173 15.39 11.51 -4.92
C HIS A 173 14.59 10.40 -5.58
N SER A 174 15.17 9.78 -6.60
CA SER A 174 14.51 8.71 -7.32
C SER A 174 14.46 7.42 -6.52
N ASP A 175 15.39 7.30 -5.54
CA ASP A 175 15.52 6.19 -4.62
C ASP A 175 14.76 6.40 -3.32
N PHE A 176 13.87 7.38 -3.28
CA PHE A 176 13.05 7.63 -2.10
C PHE A 176 12.21 6.40 -1.74
N SER A 177 12.19 6.00 -0.48
CA SER A 177 11.53 4.76 -0.12
C SER A 177 10.38 5.01 0.84
N ARG A 178 9.46 4.06 0.88
CA ARG A 178 8.30 4.15 1.76
C ARG A 178 8.71 4.35 3.24
N ALA A 179 9.81 3.72 3.65
CA ALA A 179 10.22 3.79 5.04
C ALA A 179 10.47 5.24 5.47
N GLU A 180 10.90 6.08 4.53
CA GLU A 180 11.25 7.46 4.87
C GLU A 180 10.01 8.31 5.17
N VAL A 181 8.78 7.87 4.81
CA VAL A 181 7.58 8.56 5.23
C VAL A 181 7.00 8.01 6.52
N LEU A 182 7.54 6.90 7.04
CA LEU A 182 6.96 6.16 8.14
C LEU A 182 7.87 6.16 9.37
N SER A 183 8.84 7.10 9.45
CA SER A 183 9.79 7.15 10.53
C SER A 183 9.16 7.67 11.83
N GLU A 184 8.02 8.36 11.76
CA GLU A 184 7.39 8.96 12.92
C GLU A 184 6.30 8.03 13.46
N PRO A 185 6.47 7.46 14.67
CA PRO A 185 5.49 6.51 15.20
C PRO A 185 4.10 7.07 15.54
N ARG A 186 3.97 8.40 15.67
CA ARG A 186 2.68 9.03 15.87
C ARG A 186 1.82 9.08 14.59
N LEU A 187 2.31 8.53 13.46
CA LEU A 187 1.57 8.62 12.21
C LEU A 187 1.33 7.20 11.69
N ARG A 188 0.05 6.81 11.67
CA ARG A 188 -0.35 5.45 11.33
C ARG A 188 -0.78 5.41 9.85
N PRO A 189 -0.16 4.56 9.00
CA PRO A 189 -0.50 4.50 7.58
C PRO A 189 -1.80 3.78 7.32
N GLY A 190 -2.69 4.43 6.57
CA GLY A 190 -3.98 3.86 6.20
C GLY A 190 -4.07 3.66 4.68
N GLU A 191 -5.07 4.32 4.07
CA GLU A 191 -5.38 4.18 2.65
C GLU A 191 -4.10 4.34 1.84
N GLU A 192 -3.95 3.43 0.86
CA GLU A 192 -2.79 3.40 -0.01
C GLU A 192 -3.27 3.05 -1.41
N ARG A 193 -3.01 3.89 -2.39
CA ARG A 193 -3.40 3.66 -3.77
C ARG A 193 -2.23 4.00 -4.68
N ARG A 194 -2.08 3.21 -5.76
CA ARG A 194 -1.07 3.55 -6.75
C ARG A 194 -1.75 4.34 -7.85
N LEU A 195 -1.12 5.43 -8.25
CA LEU A 195 -1.68 6.41 -9.17
C LEU A 195 -0.72 6.71 -10.32
N PRO A 196 -1.26 7.32 -11.39
CA PRO A 196 -0.45 7.70 -12.55
C PRO A 196 0.46 8.87 -12.20
N PRO A 197 1.46 9.15 -13.07
CA PRO A 197 1.72 8.41 -14.31
C PRO A 197 2.37 7.06 -14.15
N LEU A 198 1.98 6.09 -15.00
CA LEU A 198 2.71 4.84 -15.17
C LEU A 198 2.86 4.11 -13.84
N ARG A 199 1.83 4.19 -12.99
CA ARG A 199 1.84 3.51 -11.70
C ARG A 199 3.04 3.88 -10.86
N LEU A 200 3.54 5.11 -11.01
CA LEU A 200 4.73 5.51 -10.26
C LEU A 200 4.42 6.09 -8.90
N MET A 201 3.20 6.61 -8.67
CA MET A 201 2.90 7.46 -7.52
C MET A 201 2.07 6.68 -6.52
N THR A 202 2.33 6.93 -5.22
CA THR A 202 1.57 6.32 -4.15
C THR A 202 0.89 7.39 -3.32
N LEU A 203 -0.43 7.33 -3.27
CA LEU A 203 -1.20 8.07 -2.30
C LEU A 203 -1.18 7.27 -1.02
N LEU A 204 -0.79 7.94 0.10
CA LEU A 204 -0.72 7.25 1.38
C LEU A 204 -1.23 8.22 2.44
N VAL A 205 -2.32 7.82 3.10
CA VAL A 205 -2.88 8.63 4.17
C VAL A 205 -2.27 8.18 5.49
N LEU A 206 -1.86 9.17 6.29
CA LEU A 206 -1.27 8.92 7.58
C LEU A 206 -2.21 9.53 8.62
N HIS A 207 -2.53 8.77 9.65
CA HIS A 207 -3.42 9.22 10.72
C HIS A 207 -2.65 9.54 12.01
N ARG A 208 -2.92 10.72 12.58
CA ARG A 208 -2.29 11.15 13.82
C ARG A 208 -2.92 10.38 14.97
N ILE A 209 -2.11 9.60 15.67
CA ILE A 209 -2.52 8.89 16.87
C ILE A 209 -2.32 9.82 18.08
N MET B 1 -16.12 -18.02 -4.15
CA MET B 1 -17.33 -17.21 -3.79
C MET B 1 -17.39 -16.00 -4.71
N GLU B 2 -18.60 -15.55 -5.07
CA GLU B 2 -18.71 -14.29 -5.80
C GLU B 2 -18.07 -13.13 -5.03
N ILE B 3 -17.47 -12.16 -5.73
CA ILE B 3 -16.64 -11.16 -5.04
C ILE B 3 -17.47 -10.33 -4.06
N GLU B 4 -18.71 -9.98 -4.40
CA GLU B 4 -19.53 -9.17 -3.49
C GLU B 4 -19.84 -9.98 -2.21
N ALA B 5 -19.93 -11.31 -2.34
CA ALA B 5 -20.20 -12.16 -1.19
C ALA B 5 -18.93 -12.30 -0.35
N VAL B 6 -17.74 -12.29 -1.01
CA VAL B 6 -16.47 -12.23 -0.29
C VAL B 6 -16.45 -10.95 0.57
N GLU B 7 -16.75 -9.80 -0.05
CA GLU B 7 -16.64 -8.53 0.64
C GLU B 7 -17.62 -8.48 1.81
N ALA B 8 -18.86 -8.95 1.60
CA ALA B 8 -19.87 -8.89 2.64
C ALA B 8 -19.51 -9.82 3.79
N SER B 9 -19.04 -11.02 3.47
CA SER B 9 -18.67 -11.98 4.48
C SER B 9 -17.51 -11.48 5.35
N TYR B 10 -16.47 -10.95 4.71
CA TYR B 10 -15.27 -10.51 5.42
C TYR B 10 -15.49 -9.17 6.14
N ARG B 11 -16.47 -8.34 5.75
CA ARG B 11 -16.90 -7.22 6.58
C ARG B 11 -17.28 -7.74 7.96
N ARG B 12 -18.05 -8.84 7.99
CA ARG B 12 -18.47 -9.43 9.26
C ARG B 12 -17.36 -10.21 9.98
N TRP B 13 -16.57 -10.96 9.23
CA TRP B 13 -15.53 -11.78 9.84
C TRP B 13 -14.38 -10.96 10.40
N ALA B 14 -14.05 -9.80 9.80
CA ALA B 14 -12.80 -9.14 10.10
C ALA B 14 -12.56 -8.94 11.61
N PRO B 15 -13.53 -8.44 12.43
CA PRO B 15 -13.20 -8.24 13.83
C PRO B 15 -12.91 -9.48 14.64
N ILE B 16 -13.40 -10.66 14.22
CA ILE B 16 -13.18 -11.88 14.96
C ILE B 16 -12.25 -12.86 14.23
N TYR B 17 -11.75 -12.48 13.04
CA TYR B 17 -11.00 -13.43 12.22
C TYR B 17 -9.78 -13.99 12.98
N ASP B 18 -8.96 -13.11 13.55
CA ASP B 18 -7.71 -13.54 14.18
C ASP B 18 -7.93 -14.54 15.31
N ARG B 19 -9.03 -14.35 16.04
CA ARG B 19 -9.41 -15.20 17.18
C ARG B 19 -10.10 -16.50 16.75
N THR B 20 -10.51 -16.62 15.49
CA THR B 20 -11.24 -17.80 15.00
C THR B 20 -10.45 -18.49 13.89
N PHE B 21 -10.79 -18.27 12.61
CA PHE B 21 -10.15 -19.01 11.51
C PHE B 21 -8.66 -18.66 11.43
N GLY B 22 -8.30 -17.42 11.79
CA GLY B 22 -6.91 -17.02 11.85
C GLY B 22 -6.13 -17.87 12.83
N ALA B 23 -6.75 -18.23 13.96
CA ALA B 23 -6.11 -19.10 14.93
C ALA B 23 -6.02 -20.54 14.43
N VAL B 24 -7.09 -21.06 13.81
CA VAL B 24 -7.07 -22.43 13.31
C VAL B 24 -5.87 -22.65 12.38
N THR B 25 -5.60 -21.65 11.52
CA THR B 25 -4.61 -21.78 10.46
C THR B 25 -3.21 -21.31 10.90
N GLN B 26 -2.97 -21.07 12.21
CA GLN B 26 -1.68 -20.57 12.68
C GLN B 26 -0.48 -21.44 12.27
N ARG B 27 -0.57 -22.75 12.50
CA ARG B 27 0.53 -23.65 12.20
C ARG B 27 0.87 -23.65 10.69
N GLY B 28 -0.16 -23.75 9.84
CA GLY B 28 0.08 -23.75 8.40
C GLY B 28 0.75 -22.46 7.93
N ARG B 29 0.29 -21.33 8.49
CA ARG B 29 0.84 -20.04 8.13
C ARG B 29 2.31 -19.96 8.51
N ARG B 30 2.66 -20.39 9.73
CA ARG B 30 4.06 -20.44 10.17
C ARG B 30 4.91 -21.28 9.23
N GLU B 31 4.38 -22.43 8.81
CA GLU B 31 5.15 -23.33 7.96
C GLU B 31 5.37 -22.67 6.61
N ALA B 32 4.33 -22.02 6.06
CA ALA B 32 4.45 -21.36 4.77
C ALA B 32 5.50 -20.26 4.84
N VAL B 33 5.44 -19.44 5.91
CA VAL B 33 6.38 -18.35 6.03
C VAL B 33 7.79 -18.86 6.22
N ALA B 34 7.95 -19.98 6.97
CA ALA B 34 9.28 -20.60 7.12
C ALA B 34 9.90 -20.90 5.75
N ARG B 35 9.12 -21.52 4.85
CA ARG B 35 9.64 -21.82 3.53
C ARG B 35 10.04 -20.56 2.78
N ILE B 36 9.20 -19.51 2.86
CA ILE B 36 9.45 -18.28 2.12
C ILE B 36 10.74 -17.62 2.64
N ASN B 37 10.89 -17.54 3.96
CA ASN B 37 12.04 -16.89 4.56
C ASN B 37 13.32 -17.63 4.21
N ALA B 38 13.25 -18.95 3.99
CA ALA B 38 14.43 -19.77 3.75
C ALA B 38 14.96 -19.71 2.31
N ILE B 39 14.16 -19.21 1.38
CA ILE B 39 14.60 -19.12 0.00
C ILE B 39 15.79 -18.16 -0.06
N PRO B 40 16.92 -18.53 -0.70
CA PRO B 40 18.09 -17.65 -0.73
C PRO B 40 17.79 -16.29 -1.37
N PRO B 41 18.14 -15.17 -0.73
CA PRO B 41 17.87 -13.86 -1.35
C PRO B 41 18.58 -13.71 -2.69
N GLY B 42 18.12 -12.74 -3.50
CA GLY B 42 18.96 -12.20 -4.55
C GLY B 42 20.31 -11.69 -4.02
N GLY B 45 19.90 -8.24 -2.21
CA GLY B 45 19.65 -9.34 -1.24
C GLY B 45 18.21 -9.33 -0.68
N VAL B 46 17.23 -9.23 -1.57
CA VAL B 46 15.85 -9.20 -1.10
C VAL B 46 15.09 -10.32 -1.80
N THR B 47 14.02 -10.77 -1.15
CA THR B 47 13.05 -11.69 -1.73
C THR B 47 11.71 -10.91 -1.82
N ARG B 48 11.22 -10.71 -3.04
CA ARG B 48 10.03 -9.91 -3.26
C ARG B 48 8.82 -10.84 -3.30
N VAL B 49 7.91 -10.67 -2.34
CA VAL B 49 6.77 -11.54 -2.10
C VAL B 49 5.47 -10.80 -2.38
N LEU B 50 4.56 -11.46 -3.08
CA LEU B 50 3.18 -10.99 -3.20
C LEU B 50 2.30 -11.89 -2.34
N GLU B 51 1.65 -11.28 -1.35
CA GLU B 51 0.69 -11.97 -0.50
C GLU B 51 -0.69 -11.72 -1.08
N ILE B 52 -1.28 -12.78 -1.66
CA ILE B 52 -2.62 -12.69 -2.21
C ILE B 52 -3.62 -13.00 -1.10
N GLY B 53 -4.59 -12.11 -0.90
CA GLY B 53 -5.51 -12.29 0.20
C GLY B 53 -4.77 -12.17 1.54
N VAL B 54 -4.05 -11.05 1.71
CA VAL B 54 -3.26 -10.85 2.90
C VAL B 54 -4.13 -10.79 4.17
N GLY B 55 -5.41 -10.42 3.99
CA GLY B 55 -6.33 -10.38 5.11
C GLY B 55 -5.92 -9.36 6.14
N THR B 56 -6.00 -9.78 7.42
CA THR B 56 -5.63 -8.96 8.57
C THR B 56 -4.12 -8.95 8.77
N GLY B 57 -3.37 -9.63 7.90
CA GLY B 57 -1.92 -9.50 7.89
C GLY B 57 -1.23 -10.37 8.94
N LEU B 58 -1.84 -11.50 9.30
CA LEU B 58 -1.26 -12.38 10.31
C LEU B 58 0.12 -12.91 9.91
N ALA B 59 0.40 -13.07 8.62
CA ALA B 59 1.67 -13.55 8.17
C ALA B 59 2.73 -12.44 8.26
N LEU B 60 2.33 -11.17 8.22
CA LEU B 60 3.28 -10.06 8.02
C LEU B 60 4.39 -10.01 9.05
N PRO B 61 4.12 -10.14 10.38
CA PRO B 61 5.20 -10.09 11.37
C PRO B 61 6.20 -11.24 11.30
N HIS B 62 5.83 -12.33 10.62
CA HIS B 62 6.68 -13.51 10.55
C HIS B 62 7.75 -13.40 9.47
N TYR B 63 7.54 -12.52 8.47
CA TYR B 63 8.50 -12.38 7.39
C TYR B 63 9.82 -11.82 7.93
N ALA B 64 10.90 -12.47 7.49
CA ALA B 64 12.27 -12.15 7.87
C ALA B 64 12.72 -10.81 7.26
N PRO B 65 13.80 -10.19 7.76
CA PRO B 65 14.16 -8.83 7.36
C PRO B 65 14.45 -8.60 5.88
N HIS B 66 14.90 -9.64 5.18
CA HIS B 66 15.21 -9.54 3.76
C HIS B 66 13.97 -9.66 2.87
N ILE B 67 12.79 -9.88 3.45
CA ILE B 67 11.57 -9.95 2.67
C ILE B 67 11.11 -8.54 2.35
N ARG B 68 10.58 -8.37 1.12
CA ARG B 68 9.79 -7.21 0.77
C ARG B 68 8.43 -7.70 0.28
N VAL B 69 7.40 -7.45 1.06
CA VAL B 69 6.12 -8.10 0.83
C VAL B 69 5.08 -7.06 0.44
N THR B 70 4.35 -7.36 -0.65
CA THR B 70 3.21 -6.58 -1.09
C THR B 70 1.98 -7.40 -0.72
N GLY B 71 1.06 -6.84 0.12
CA GLY B 71 -0.16 -7.58 0.40
C GLY B 71 -1.35 -6.95 -0.32
N ILE B 72 -2.16 -7.81 -0.98
CA ILE B 72 -3.38 -7.35 -1.62
C ILE B 72 -4.57 -8.11 -1.06
N ASP B 73 -5.72 -7.41 -1.10
CA ASP B 73 -6.95 -8.03 -0.62
C ASP B 73 -8.14 -7.31 -1.25
N ALA B 74 -9.28 -8.02 -1.37
CA ALA B 74 -10.50 -7.41 -1.87
C ALA B 74 -11.34 -6.77 -0.75
N SER B 75 -11.04 -7.11 0.52
CA SER B 75 -11.79 -6.63 1.68
C SER B 75 -11.12 -5.46 2.37
N GLU B 76 -11.79 -4.30 2.37
CA GLU B 76 -11.29 -3.11 3.04
C GLU B 76 -11.23 -3.39 4.55
N ALA B 77 -12.26 -4.11 5.08
CA ALA B 77 -12.33 -4.38 6.50
C ALA B 77 -11.15 -5.21 6.96
N MET B 78 -10.75 -6.19 6.17
CA MET B 78 -9.62 -7.02 6.53
C MET B 78 -8.32 -6.24 6.38
N LEU B 79 -8.18 -5.56 5.25
CA LEU B 79 -6.93 -4.87 4.95
C LEU B 79 -6.65 -3.74 5.94
N GLU B 80 -7.69 -3.06 6.41
CA GLU B 80 -7.55 -1.98 7.38
C GLU B 80 -6.90 -2.52 8.65
N ARG B 81 -7.22 -3.78 9.05
CA ARG B 81 -6.58 -4.34 10.22
C ARG B 81 -5.08 -4.64 9.98
N ALA B 82 -4.75 -5.12 8.78
CA ALA B 82 -3.38 -5.38 8.39
C ALA B 82 -2.55 -4.11 8.47
N ARG B 83 -3.11 -3.03 7.93
CA ARG B 83 -2.40 -1.76 7.86
C ARG B 83 -2.17 -1.22 9.26
N ALA B 84 -3.21 -1.30 10.11
CA ALA B 84 -3.13 -0.72 11.45
C ALA B 84 -2.08 -1.46 12.30
N ALA B 85 -2.01 -2.79 12.17
CA ALA B 85 -1.08 -3.58 12.95
C ALA B 85 0.34 -3.58 12.39
N HIS B 86 0.51 -3.67 11.06
CA HIS B 86 1.79 -4.04 10.51
C HIS B 86 2.27 -3.10 9.41
N GLY B 87 1.51 -2.06 9.11
CA GLY B 87 1.82 -1.21 7.97
C GLY B 87 3.13 -0.44 8.10
N ARG B 88 3.68 -0.26 9.31
CA ARG B 88 4.97 0.44 9.43
C ARG B 88 6.16 -0.52 9.40
N ARG B 89 5.94 -1.82 9.29
CA ARG B 89 7.06 -2.77 9.35
C ARG B 89 7.96 -2.58 8.13
N PRO B 90 9.30 -2.60 8.27
CA PRO B 90 10.18 -2.38 7.13
C PRO B 90 10.11 -3.40 6.01
N THR B 91 9.56 -4.58 6.30
CA THR B 91 9.39 -5.62 5.30
C THR B 91 8.19 -5.36 4.41
N VAL B 92 7.28 -4.46 4.82
CA VAL B 92 6.09 -4.20 4.03
C VAL B 92 6.38 -3.15 2.97
N GLU B 93 6.19 -3.54 1.69
CA GLU B 93 6.37 -2.69 0.53
C GLU B 93 5.06 -1.94 0.24
N SER B 94 3.91 -2.57 0.47
CA SER B 94 2.65 -2.01 0.03
C SER B 94 1.51 -2.87 0.58
N LEU B 95 0.38 -2.22 0.96
CA LEU B 95 -0.88 -2.90 1.27
C LEU B 95 -2.01 -2.22 0.50
N ARG B 96 -2.56 -2.96 -0.51
CA ARG B 96 -3.52 -2.36 -1.43
C ARG B 96 -4.73 -3.26 -1.66
N ILE B 97 -5.85 -2.62 -2.02
CA ILE B 97 -7.05 -3.30 -2.48
C ILE B 97 -6.84 -3.69 -3.94
N MET B 98 -7.05 -4.97 -4.24
CA MET B 98 -6.89 -5.52 -5.58
C MET B 98 -7.60 -6.88 -5.63
N ASP B 99 -8.09 -7.24 -6.81
CA ASP B 99 -8.69 -8.56 -7.03
C ASP B 99 -7.59 -9.50 -7.54
N ALA B 100 -7.42 -10.64 -6.89
CA ALA B 100 -6.44 -11.66 -7.25
C ALA B 100 -6.63 -12.20 -8.66
N ARG B 101 -7.85 -12.06 -9.21
CA ARG B 101 -8.11 -12.57 -10.55
C ARG B 101 -7.53 -11.65 -11.63
N SER B 102 -7.18 -10.41 -11.28
CA SER B 102 -6.62 -9.42 -12.21
C SER B 102 -5.56 -8.61 -11.46
N LEU B 103 -4.38 -9.18 -11.32
CA LEU B 103 -3.29 -8.53 -10.64
C LEU B 103 -2.71 -7.41 -11.49
N ASP B 104 -2.63 -6.21 -10.91
CA ASP B 104 -2.11 -5.05 -11.59
C ASP B 104 -0.59 -4.97 -11.42
N PHE B 105 0.09 -6.05 -11.80
CA PHE B 105 1.53 -6.11 -11.80
C PHE B 105 1.95 -6.67 -13.15
N ALA B 106 3.19 -6.33 -13.54
CA ALA B 106 3.79 -6.85 -14.75
C ALA B 106 4.14 -8.33 -14.60
N ASP B 107 4.24 -9.01 -15.74
CA ASP B 107 4.78 -10.36 -15.76
C ASP B 107 6.12 -10.40 -15.03
N GLU B 108 6.40 -11.50 -14.31
CA GLU B 108 7.71 -11.78 -13.72
C GLU B 108 8.10 -10.71 -12.69
N SER B 109 7.14 -10.18 -11.96
CA SER B 109 7.37 -9.07 -11.05
C SER B 109 7.84 -9.59 -9.67
N PHE B 110 7.55 -10.85 -9.33
CA PHE B 110 7.75 -11.34 -7.96
C PHE B 110 8.62 -12.60 -7.95
N ASP B 111 9.38 -12.78 -6.87
CA ASP B 111 10.11 -13.99 -6.56
C ASP B 111 9.21 -15.06 -5.96
N VAL B 112 8.23 -14.64 -5.15
CA VAL B 112 7.37 -15.53 -4.38
C VAL B 112 5.96 -14.98 -4.41
N VAL B 113 4.98 -15.91 -4.48
CA VAL B 113 3.59 -15.58 -4.16
C VAL B 113 3.21 -16.42 -2.95
N ALA B 114 2.62 -15.76 -1.96
CA ALA B 114 2.05 -16.44 -0.80
C ALA B 114 0.52 -16.46 -0.94
N ALA B 115 -0.08 -17.61 -0.65
CA ALA B 115 -1.53 -17.76 -0.77
C ALA B 115 -2.01 -18.69 0.35
N MET B 116 -2.30 -18.07 1.51
CA MET B 116 -2.71 -18.84 2.69
C MET B 116 -4.22 -18.70 2.90
N HIS B 117 -4.91 -19.82 2.80
CA HIS B 117 -6.35 -19.94 2.98
C HIS B 117 -7.18 -19.38 1.81
N VAL B 118 -6.71 -18.35 1.18
CA VAL B 118 -7.39 -17.58 0.15
C VAL B 118 -7.85 -18.40 -1.05
N LEU B 119 -7.13 -19.45 -1.46
CA LEU B 119 -7.52 -20.11 -2.69
C LEU B 119 -8.87 -20.81 -2.53
N SER B 120 -9.25 -21.17 -1.28
CA SER B 120 -10.54 -21.78 -1.01
C SER B 120 -11.66 -20.73 -0.86
N VAL B 121 -11.34 -19.46 -1.08
CA VAL B 121 -12.26 -18.35 -0.96
C VAL B 121 -12.54 -17.71 -2.33
N VAL B 122 -11.50 -17.53 -3.13
CA VAL B 122 -11.59 -16.71 -4.32
C VAL B 122 -12.67 -17.20 -5.29
N PRO B 123 -13.33 -16.27 -6.02
CA PRO B 123 -13.99 -16.64 -7.27
C PRO B 123 -12.97 -17.08 -8.31
N GLU B 124 -13.36 -18.02 -9.18
CA GLU B 124 -12.55 -18.39 -10.34
C GLU B 124 -11.10 -18.70 -9.97
N PRO B 125 -10.87 -19.71 -9.12
CA PRO B 125 -9.50 -20.04 -8.71
C PRO B 125 -8.56 -20.35 -9.87
N ARG B 126 -9.08 -20.88 -10.97
CA ARG B 126 -8.24 -21.16 -12.13
C ARG B 126 -7.68 -19.87 -12.71
N ARG B 127 -8.47 -18.80 -12.72
CA ARG B 127 -7.95 -17.49 -13.14
C ARG B 127 -6.87 -16.98 -12.19
N VAL B 128 -7.07 -17.19 -10.88
CA VAL B 128 -6.12 -16.77 -9.88
C VAL B 128 -4.80 -17.53 -10.06
N MET B 129 -4.85 -18.84 -10.31
CA MET B 129 -3.61 -19.60 -10.50
C MET B 129 -2.85 -19.13 -11.76
N ALA B 130 -3.56 -18.76 -12.82
CA ALA B 130 -2.92 -18.23 -14.00
C ALA B 130 -2.20 -16.92 -13.71
N GLU B 131 -2.81 -16.07 -12.91
CA GLU B 131 -2.22 -14.79 -12.55
C GLU B 131 -1.01 -15.02 -11.66
N ILE B 132 -1.08 -16.01 -10.74
CA ILE B 132 0.07 -16.33 -9.91
C ILE B 132 1.28 -16.71 -10.81
N ALA B 133 1.07 -17.63 -11.75
CA ALA B 133 2.14 -18.01 -12.67
C ALA B 133 2.66 -16.80 -13.45
N ARG B 134 1.76 -15.93 -13.90
CA ARG B 134 2.12 -14.82 -14.74
C ARG B 134 3.08 -13.86 -14.02
N VAL B 135 2.81 -13.54 -12.74
CA VAL B 135 3.56 -12.52 -12.02
C VAL B 135 4.85 -13.09 -11.43
N LEU B 136 5.02 -14.43 -11.43
CA LEU B 136 6.24 -15.00 -10.91
C LEU B 136 7.35 -14.99 -11.95
N ARG B 137 8.55 -14.59 -11.53
CA ARG B 137 9.75 -14.76 -12.33
C ARG B 137 10.01 -16.25 -12.54
N PRO B 138 10.68 -16.63 -13.64
CA PRO B 138 11.11 -18.01 -13.82
C PRO B 138 11.88 -18.49 -12.59
N GLY B 139 11.55 -19.70 -12.12
CA GLY B 139 12.15 -20.30 -10.94
C GLY B 139 11.58 -19.77 -9.62
N GLY B 140 10.67 -18.80 -9.67
CA GLY B 140 9.93 -18.35 -8.51
C GLY B 140 9.03 -19.45 -7.96
N GLN B 141 8.42 -19.19 -6.80
CA GLN B 141 7.63 -20.20 -6.11
C GLN B 141 6.33 -19.58 -5.60
N ALA B 142 5.27 -20.40 -5.62
CA ALA B 142 4.02 -20.06 -4.96
C ALA B 142 3.88 -20.99 -3.76
N VAL B 143 3.81 -20.40 -2.57
CA VAL B 143 3.75 -21.16 -1.34
C VAL B 143 2.32 -21.03 -0.85
N THR B 144 1.59 -22.14 -0.91
CA THR B 144 0.16 -22.17 -0.66
C THR B 144 -0.12 -23.04 0.58
N VAL B 145 -1.18 -22.65 1.31
CA VAL B 145 -1.65 -23.50 2.39
C VAL B 145 -3.17 -23.38 2.44
N THR B 146 -3.86 -24.52 2.33
CA THR B 146 -5.28 -24.54 2.04
C THR B 146 -5.88 -25.81 2.60
N HIS B 147 -7.15 -25.76 3.04
CA HIS B 147 -7.88 -26.99 3.26
C HIS B 147 -8.50 -27.47 1.95
N PHE B 148 -8.26 -28.75 1.64
CA PHE B 148 -8.87 -29.43 0.51
C PHE B 148 -9.81 -30.51 1.03
N ALA B 149 -10.96 -30.59 0.38
CA ALA B 149 -11.90 -31.64 0.75
C ALA B 149 -11.32 -33.00 0.43
N VAL B 150 -11.66 -33.99 1.26
CA VAL B 150 -11.45 -35.38 0.90
C VAL B 150 -12.74 -35.82 0.22
N GLU B 151 -12.61 -36.50 -0.90
CA GLU B 151 -13.80 -36.85 -1.65
C GLU B 151 -14.10 -38.31 -1.28
N GLY B 152 -15.39 -38.65 -1.22
CA GLY B 152 -15.79 -40.04 -1.11
C GLY B 152 -16.62 -40.28 0.13
N ARG B 153 -16.43 -41.45 0.73
CA ARG B 153 -17.24 -41.82 1.87
C ARG B 153 -16.52 -41.37 3.13
N GLY B 154 -17.16 -41.62 4.24
CA GLY B 154 -16.57 -41.30 5.52
C GLY B 154 -17.19 -40.03 6.08
N ALA B 155 -17.07 -39.90 7.39
CA ALA B 155 -17.68 -38.80 8.12
C ALA B 155 -17.06 -37.43 7.78
N ARG B 156 -15.73 -37.37 7.60
CA ARG B 156 -15.08 -36.11 7.23
C ARG B 156 -15.68 -35.59 5.92
N ALA B 157 -15.68 -36.44 4.89
CA ALA B 157 -16.17 -36.07 3.57
C ALA B 157 -17.62 -35.58 3.65
N ALA B 158 -18.44 -36.26 4.45
CA ALA B 158 -19.82 -35.90 4.61
C ALA B 158 -19.99 -34.52 5.25
N LEU B 159 -19.17 -34.20 6.26
CA LEU B 159 -19.23 -32.89 6.89
C LEU B 159 -18.82 -31.77 5.92
N GLU B 160 -17.80 -32.05 5.13
CA GLU B 160 -17.37 -31.11 4.12
C GLU B 160 -18.50 -30.85 3.13
N ARG B 161 -19.22 -31.90 2.73
CA ARG B 161 -20.35 -31.75 1.82
C ARG B 161 -21.47 -30.93 2.47
N ALA B 162 -21.77 -31.21 3.77
CA ALA B 162 -22.85 -30.54 4.48
C ALA B 162 -22.63 -29.03 4.61
N MET B 163 -21.36 -28.64 4.75
CA MET B 163 -20.99 -27.25 4.94
C MET B 163 -20.79 -26.50 3.63
N ALA B 164 -20.77 -27.18 2.48
CA ALA B 164 -20.46 -26.54 1.22
C ALA B 164 -21.44 -25.43 0.85
N PRO B 165 -22.78 -25.60 1.02
CA PRO B 165 -23.69 -24.49 0.72
C PRO B 165 -23.63 -23.27 1.65
N LEU B 166 -22.86 -23.39 2.76
CA LEU B 166 -22.71 -22.30 3.72
C LEU B 166 -21.46 -21.43 3.47
N ALA B 167 -20.86 -21.52 2.29
CA ALA B 167 -19.61 -20.83 2.03
C ALA B 167 -19.68 -19.35 2.35
N ASP B 168 -20.73 -18.65 1.99
CA ASP B 168 -20.79 -17.22 2.25
C ASP B 168 -20.77 -16.92 3.75
N ARG B 169 -21.41 -17.75 4.58
CA ARG B 169 -21.36 -17.50 6.01
C ARG B 169 -20.07 -18.01 6.66
N LEU B 170 -19.49 -19.08 6.09
CA LEU B 170 -18.28 -19.66 6.63
C LEU B 170 -17.06 -18.80 6.28
N GLY B 171 -17.11 -18.13 5.11
CA GLY B 171 -16.03 -17.37 4.51
C GLY B 171 -15.16 -18.17 3.53
N TRP B 172 -15.48 -19.43 3.26
CA TRP B 172 -14.65 -20.31 2.44
C TRP B 172 -15.40 -21.56 2.03
N HIS B 173 -14.89 -22.26 1.02
CA HIS B 173 -15.55 -23.42 0.42
C HIS B 173 -15.02 -24.68 1.04
N SER B 174 -15.88 -25.39 1.77
CA SER B 174 -15.51 -26.59 2.49
C SER B 174 -15.29 -27.78 1.56
N ASP B 175 -15.78 -27.68 0.32
CA ASP B 175 -15.62 -28.71 -0.70
C ASP B 175 -14.53 -28.37 -1.71
N PHE B 176 -13.65 -27.44 -1.37
CA PHE B 176 -12.61 -26.99 -2.29
C PHE B 176 -11.73 -28.15 -2.73
N SER B 177 -11.49 -28.27 -4.05
CA SER B 177 -10.78 -29.41 -4.59
C SER B 177 -9.32 -29.08 -4.88
N ARG B 178 -8.43 -30.04 -4.62
CA ARG B 178 -7.00 -29.89 -4.91
C ARG B 178 -6.76 -29.56 -6.39
N ALA B 179 -7.57 -30.13 -7.27
CA ALA B 179 -7.45 -29.94 -8.71
C ALA B 179 -7.49 -28.46 -9.08
N GLU B 180 -8.22 -27.65 -8.30
CA GLU B 180 -8.34 -26.22 -8.61
C GLU B 180 -7.00 -25.49 -8.48
N VAL B 181 -6.09 -26.00 -7.66
CA VAL B 181 -4.78 -25.37 -7.46
C VAL B 181 -3.72 -25.93 -8.41
N LEU B 182 -3.96 -27.12 -8.99
CA LEU B 182 -3.02 -27.77 -9.87
C LEU B 182 -3.37 -27.58 -11.35
N SER B 183 -4.21 -26.57 -11.65
CA SER B 183 -4.82 -26.38 -12.95
C SER B 183 -3.84 -25.73 -13.92
N GLU B 184 -2.81 -25.06 -13.41
CA GLU B 184 -1.98 -24.15 -14.18
C GLU B 184 -0.71 -24.90 -14.57
N PRO B 185 -0.49 -25.20 -15.86
CA PRO B 185 0.67 -26.00 -16.26
C PRO B 185 2.03 -25.32 -16.12
N ARG B 186 2.05 -24.00 -15.94
CA ARG B 186 3.29 -23.27 -15.70
C ARG B 186 3.75 -23.38 -14.24
N LEU B 187 3.01 -24.11 -13.41
CA LEU B 187 3.34 -24.26 -12.00
C LEU B 187 3.50 -25.73 -11.71
N ARG B 188 4.70 -26.13 -11.35
CA ARG B 188 5.02 -27.53 -11.12
C ARG B 188 4.97 -27.79 -9.62
N PRO B 189 4.20 -28.80 -9.15
CA PRO B 189 4.07 -29.11 -7.73
C PRO B 189 5.36 -29.69 -7.14
N GLY B 190 5.80 -29.11 -6.01
CA GLY B 190 6.91 -29.65 -5.24
C GLY B 190 6.45 -30.20 -3.88
N GLU B 191 6.98 -29.61 -2.80
CA GLU B 191 6.68 -30.07 -1.45
C GLU B 191 5.17 -30.01 -1.19
N GLU B 192 4.65 -31.08 -0.58
CA GLU B 192 3.24 -31.16 -0.21
C GLU B 192 3.16 -31.85 1.15
N ARG B 193 2.60 -31.17 2.15
CA ARG B 193 2.57 -31.67 3.52
C ARG B 193 1.19 -31.41 4.10
N ARG B 194 0.60 -32.41 4.75
CA ARG B 194 -0.59 -32.19 5.55
C ARG B 194 -0.19 -31.72 6.93
N LEU B 195 -0.87 -30.70 7.42
CA LEU B 195 -0.51 -30.01 8.65
C LEU B 195 -1.73 -29.92 9.57
N PRO B 196 -1.46 -29.75 10.89
CA PRO B 196 -2.50 -29.52 11.89
C PRO B 196 -3.25 -28.24 11.59
N PRO B 197 -4.49 -28.10 12.11
CA PRO B 197 -5.08 -29.08 13.00
C PRO B 197 -5.76 -30.24 12.28
N LEU B 198 -5.70 -31.41 12.90
CA LEU B 198 -6.47 -32.57 12.49
C LEU B 198 -6.20 -32.91 11.01
N ARG B 199 -4.94 -32.68 10.58
CA ARG B 199 -4.50 -32.92 9.22
C ARG B 199 -5.45 -32.27 8.19
N LEU B 200 -6.02 -31.12 8.53
CA LEU B 200 -6.97 -30.44 7.66
C LEU B 200 -6.30 -29.51 6.66
N MET B 201 -5.05 -29.06 6.92
CA MET B 201 -4.39 -28.06 6.10
C MET B 201 -3.36 -28.73 5.21
N THR B 202 -3.28 -28.29 3.94
CA THR B 202 -2.25 -28.82 3.06
C THR B 202 -1.35 -27.67 2.58
N LEU B 203 -0.06 -27.78 2.96
CA LEU B 203 0.96 -26.93 2.39
C LEU B 203 1.31 -27.51 1.01
N LEU B 204 1.34 -26.66 0.00
CA LEU B 204 1.66 -27.09 -1.35
C LEU B 204 2.50 -25.99 -1.99
N VAL B 205 3.76 -26.31 -2.28
CA VAL B 205 4.66 -25.36 -2.91
C VAL B 205 4.68 -25.66 -4.40
N LEU B 206 4.46 -24.63 -5.21
CA LEU B 206 4.45 -24.76 -6.66
C LEU B 206 5.61 -23.95 -7.22
N HIS B 207 6.28 -24.49 -8.23
CA HIS B 207 7.44 -23.83 -8.84
C HIS B 207 7.13 -23.32 -10.25
N ARG B 208 7.52 -22.08 -10.54
CA ARG B 208 7.33 -21.49 -11.84
C ARG B 208 8.33 -22.09 -12.82
N ILE B 209 7.83 -22.77 -13.85
CA ILE B 209 8.71 -23.37 -14.86
C ILE B 209 9.32 -22.33 -15.83
#